data_3FEW
#
_entry.id   3FEW
#
_cell.length_a   240.340
_cell.length_b   240.340
_cell.length_c   80.030
_cell.angle_alpha   90.00
_cell.angle_beta   90.00
_cell.angle_gamma   120.00
#
_symmetry.space_group_name_H-M   'H 3 2'
#
loop_
_entity.id
_entity.type
_entity.pdbx_description
1 polymer 'Colicin S4'
2 non-polymer 'SODIUM ION'
3 water water
#
_entity_poly.entity_id   1
_entity_poly.type   'polypeptide(L)'
_entity_poly.pdbx_seq_one_letter_code
;MAKELSVYGPTAGESMGGTGANLNQQGGNNNSNSGVHWGGGSGSGNGGREHGSQTGWGWSKTNNPDVPPYVDDNGQVRIT
ITNGLVKTPVYGVPGAGGNSDVQGGYIPENPNDEVARKWDKNNLPREIDVSIDGFKYRVTLNDNGRAIGILRTGVRPYVG
SEKAKAGIMEKINHKTPEEIYEALGFNKDESQRQEKAKQQAEDAWDRLPPNVRKFDVDVEQFHYLVVLDDYGNVLSVTRT
GVRPYVGSEKAKAGIMDKVDHKTPEEIYEALGFNNEEPQRQNQAKKAAYDVFYSFSMNRDRIQSDVLNKAAEVISDIGNK
VGDYLGDAYKSLAREIADDVKNFQGKTIRSYDDAMASLNKVLSNPGFKFNRADSDALANVWRSIDAQDMANKLGNISKAF
KFADVVMKVEKVREKSIEGYETGNWGPLMLEVESWVLSGIASAVALGVFSATLGAYALSLGAPAIAVGIVGILLAAVVGA
LLDDKFADALNKEIIKPAHHHHHHH
;
_entity_poly.pdbx_strand_id   X
#
# COMPACT_ATOMS: atom_id res chain seq x y z
N VAL A 67 24.48 -1.74 12.94
CA VAL A 67 25.14 -2.21 11.67
C VAL A 67 25.02 -1.23 10.48
N PRO A 68 23.98 -0.36 10.43
CA PRO A 68 22.77 -0.21 11.27
C PRO A 68 21.82 -1.42 11.15
N PRO A 69 20.77 -1.49 12.00
CA PRO A 69 19.87 -2.65 11.86
C PRO A 69 18.83 -2.39 10.78
N TYR A 70 18.36 -3.47 10.14
CA TYR A 70 17.38 -3.36 9.05
C TYR A 70 16.13 -2.65 9.45
N VAL A 71 15.56 -3.05 10.58
CA VAL A 71 14.44 -2.36 11.18
C VAL A 71 14.78 -2.04 12.64
N ASP A 72 14.32 -0.89 13.13
CA ASP A 72 14.64 -0.44 14.49
C ASP A 72 13.93 -1.28 15.57
N ASP A 73 14.25 -0.97 16.82
CA ASP A 73 13.63 -1.60 18.00
C ASP A 73 12.09 -1.54 17.94
N ASN A 74 11.60 -0.35 17.63
CA ASN A 74 10.16 -0.05 17.55
C ASN A 74 9.45 -0.65 16.33
N GLY A 75 10.13 -1.48 15.56
CA GLY A 75 9.56 -2.07 14.35
C GLY A 75 9.37 -1.12 13.16
N GLN A 76 10.03 0.03 13.19
CA GLN A 76 10.01 0.97 12.07
C GLN A 76 11.22 0.80 11.17
N VAL A 77 11.03 1.10 9.89
CA VAL A 77 12.12 1.13 8.92
C VAL A 77 12.52 2.58 8.78
N ARG A 78 13.82 2.83 8.85
CA ARG A 78 14.42 4.15 8.72
CA ARG A 78 14.32 4.19 8.71
C ARG A 78 14.63 4.50 7.26
N ILE A 79 14.36 5.76 6.89
CA ILE A 79 14.67 6.28 5.56
C ILE A 79 15.26 7.67 5.67
N THR A 80 16.31 7.94 4.91
CA THR A 80 16.82 9.30 4.84
C THR A 80 16.89 9.78 3.42
N ILE A 81 16.42 10.99 3.17
CA ILE A 81 16.47 11.59 1.86
C ILE A 81 17.61 12.60 1.79
N THR A 82 18.61 12.33 0.96
CA THR A 82 19.72 13.24 0.76
C THR A 82 19.81 13.55 -0.72
N ASN A 83 19.77 14.83 -1.06
CA ASN A 83 19.79 15.26 -2.46
C ASN A 83 18.70 14.60 -3.32
N GLY A 84 17.49 14.48 -2.77
CA GLY A 84 16.38 13.85 -3.47
C GLY A 84 16.47 12.34 -3.60
N LEU A 85 17.56 11.76 -3.10
CA LEU A 85 17.79 10.33 -3.18
C LEU A 85 17.43 9.64 -1.86
N VAL A 86 16.85 8.46 -1.94
CA VAL A 86 16.38 7.74 -0.77
C VAL A 86 17.41 6.70 -0.30
N LYS A 87 17.72 6.72 0.99
CA LYS A 87 18.59 5.69 1.61
C LYS A 87 17.90 5.00 2.77
N THR A 88 18.15 3.72 2.95
CA THR A 88 17.56 2.95 4.03
C THR A 88 18.50 1.79 4.43
N PRO A 89 18.63 1.53 5.74
CA PRO A 89 19.39 0.37 6.23
C PRO A 89 18.94 -0.97 5.64
N VAL A 90 17.70 -1.04 5.17
CA VAL A 90 17.21 -2.25 4.47
C VAL A 90 18.15 -2.63 3.32
N TYR A 91 18.71 -1.63 2.64
CA TYR A 91 19.54 -1.88 1.45
C TYR A 91 21.05 -1.52 1.52
N GLY A 92 21.62 -1.35 2.73
CA GLY A 92 23.09 -1.31 2.92
C GLY A 92 23.57 -2.74 3.13
N VAL A 93 24.63 -3.26 2.49
CA VAL A 93 25.85 -2.64 1.89
C VAL A 93 26.98 -2.33 2.88
N PRO A 94 27.47 -3.37 3.59
CA PRO A 94 28.74 -3.28 4.27
C PRO A 94 29.81 -4.12 3.53
N GLY A 95 30.35 -3.66 2.40
CA GLY A 95 30.02 -2.39 1.76
C GLY A 95 31.05 -1.29 1.97
N ALA A 96 32.33 -1.54 1.68
CA ALA A 96 32.85 -2.81 1.13
C ALA A 96 33.98 -3.51 1.93
N GLY A 97 34.70 -2.80 2.81
CA GLY A 97 34.42 -1.42 3.21
C GLY A 97 35.07 -0.34 2.35
N GLY A 98 34.51 0.88 2.39
CA GLY A 98 33.35 1.19 3.23
C GLY A 98 33.70 1.96 4.49
N ASN A 99 33.38 1.41 5.67
CA ASN A 99 32.79 0.07 5.84
C ASN A 99 31.24 -0.03 5.74
N SER A 100 30.53 0.97 6.25
CA SER A 100 29.06 1.03 6.13
C SER A 100 28.49 2.43 6.42
N ASP A 101 27.54 2.84 5.58
CA ASP A 101 26.86 4.12 5.69
C ASP A 101 25.73 4.03 6.73
N VAL A 102 25.71 4.96 7.66
CA VAL A 102 24.71 4.97 8.74
C VAL A 102 23.28 5.24 8.21
N GLN A 103 23.18 6.04 7.15
CA GLN A 103 21.90 6.33 6.50
C GLN A 103 21.31 5.13 5.75
N GLY A 104 22.15 4.17 5.39
CA GLY A 104 21.71 2.97 4.71
C GLY A 104 22.19 2.91 3.27
N GLY A 105 21.56 2.03 2.48
CA GLY A 105 21.84 1.94 1.05
C GLY A 105 20.71 2.48 0.18
N TYR A 106 21.02 2.74 -1.08
CA TYR A 106 20.04 3.15 -2.07
C TYR A 106 19.10 1.99 -2.41
N ILE A 107 17.89 2.32 -2.86
CA ILE A 107 16.95 1.30 -3.36
C ILE A 107 17.56 0.68 -4.61
N PRO A 108 17.65 -0.65 -4.67
CA PRO A 108 18.29 -1.29 -5.82
C PRO A 108 17.47 -1.08 -7.09
N GLU A 109 18.13 -0.81 -8.22
CA GLU A 109 17.45 -0.61 -9.50
CA GLU A 109 17.42 -0.62 -9.48
C GLU A 109 17.03 -1.93 -10.16
N ASN A 110 17.71 -3.02 -9.78
CA ASN A 110 17.47 -4.35 -10.37
C ASN A 110 16.92 -5.32 -9.33
N PRO A 111 15.72 -5.90 -9.58
CA PRO A 111 15.06 -6.80 -8.61
C PRO A 111 15.78 -8.11 -8.32
N ASN A 112 16.74 -8.50 -9.16
CA ASN A 112 17.58 -9.67 -8.79
C ASN A 112 19.01 -9.36 -8.35
N ASP A 113 19.28 -8.12 -7.93
CA ASP A 113 20.49 -7.82 -7.17
C ASP A 113 20.41 -8.54 -5.81
N GLU A 114 21.57 -8.96 -5.32
CA GLU A 114 21.70 -9.57 -4.00
C GLU A 114 20.82 -8.89 -2.93
N VAL A 115 21.04 -7.59 -2.69
CA VAL A 115 20.27 -6.88 -1.63
C VAL A 115 18.77 -6.77 -1.87
N ALA A 116 18.37 -6.86 -3.14
CA ALA A 116 16.95 -6.92 -3.48
C ALA A 116 16.40 -8.28 -3.12
N ARG A 117 16.99 -9.31 -3.74
CA ARG A 117 16.55 -10.72 -3.62
C ARG A 117 16.43 -11.19 -2.18
N LYS A 118 17.37 -10.73 -1.35
CA LYS A 118 17.42 -10.95 0.08
C LYS A 118 16.06 -10.86 0.77
N TRP A 119 15.22 -9.92 0.32
CA TRP A 119 13.92 -9.71 0.96
C TRP A 119 12.71 -10.31 0.25
N ASP A 120 12.93 -10.95 -0.91
CA ASP A 120 11.89 -11.74 -1.60
C ASP A 120 11.23 -12.67 -0.59
N LYS A 121 9.93 -12.88 -0.76
CA LYS A 121 9.15 -13.77 0.11
C LYS A 121 9.83 -15.11 0.33
N ASN A 122 10.36 -15.71 -0.73
CA ASN A 122 10.93 -17.05 -0.65
C ASN A 122 12.29 -17.10 0.05
N ASN A 123 12.85 -15.94 0.34
CA ASN A 123 14.11 -15.89 1.07
C ASN A 123 13.96 -15.38 2.49
N LEU A 124 12.71 -15.16 2.93
CA LEU A 124 12.46 -14.74 4.31
C LEU A 124 12.48 -15.97 5.22
N PRO A 125 12.98 -15.82 6.45
CA PRO A 125 13.06 -17.00 7.36
C PRO A 125 11.68 -17.55 7.72
N ARG A 126 11.54 -18.86 7.61
CA ARG A 126 10.35 -19.58 8.10
C ARG A 126 10.60 -20.13 9.51
N GLU A 127 11.87 -20.24 9.89
CA GLU A 127 12.22 -20.73 11.22
C GLU A 127 12.74 -19.60 12.08
N ILE A 128 11.99 -19.27 13.14
CA ILE A 128 12.36 -18.18 14.03
C ILE A 128 12.72 -18.70 15.43
N ASP A 129 13.89 -18.27 15.92
CA ASP A 129 14.35 -18.63 17.27
C ASP A 129 13.87 -17.62 18.27
N VAL A 130 13.17 -18.10 19.29
CA VAL A 130 12.70 -17.24 20.36
C VAL A 130 13.03 -17.93 21.68
N SER A 131 12.93 -17.17 22.76
CA SER A 131 13.24 -17.70 24.08
C SER A 131 12.21 -17.19 25.09
N ILE A 132 11.64 -18.10 25.87
CA ILE A 132 10.56 -17.79 26.81
C ILE A 132 10.91 -18.35 28.19
N ASP A 133 11.05 -17.47 29.18
CA ASP A 133 11.41 -17.86 30.56
C ASP A 133 12.66 -18.75 30.61
N GLY A 134 13.62 -18.47 29.74
CA GLY A 134 14.84 -19.27 29.62
C GLY A 134 14.74 -20.47 28.69
N PHE A 135 13.53 -20.87 28.33
CA PHE A 135 13.34 -22.01 27.43
C PHE A 135 13.50 -21.54 25.99
N LYS A 136 14.23 -22.30 25.19
CA LYS A 136 14.54 -21.92 23.82
C LYS A 136 13.74 -22.71 22.78
N TYR A 137 13.05 -22.00 21.88
CA TYR A 137 12.21 -22.64 20.88
C TYR A 137 12.54 -22.18 19.47
N ARG A 138 12.49 -23.11 18.54
CA ARG A 138 12.49 -22.78 17.12
C ARG A 138 11.06 -23.01 16.59
N VAL A 139 10.45 -21.93 16.11
CA VAL A 139 9.09 -21.94 15.61
C VAL A 139 9.11 -21.87 14.09
N THR A 140 8.38 -22.78 13.44
CA THR A 140 8.20 -22.79 11.99
C THR A 140 6.93 -22.02 11.59
N LEU A 141 7.06 -21.11 10.62
CA LEU A 141 5.94 -20.33 10.08
C LEU A 141 5.59 -20.76 8.66
N ASN A 142 4.32 -20.69 8.29
CA ASN A 142 3.94 -20.92 6.89
C ASN A 142 4.21 -19.68 6.02
N ASP A 143 3.77 -19.77 4.76
CA ASP A 143 4.03 -18.70 3.79
C ASP A 143 3.38 -17.38 4.15
N ASN A 144 2.32 -17.41 4.95
CA ASN A 144 1.74 -16.16 5.45
C ASN A 144 2.23 -15.76 6.84
N GLY A 145 3.33 -16.37 7.28
CA GLY A 145 3.95 -16.04 8.58
C GLY A 145 3.15 -16.50 9.79
N ARG A 146 2.38 -17.57 9.62
CA ARG A 146 1.59 -18.14 10.72
C ARG A 146 2.27 -19.39 11.28
N ALA A 147 2.29 -19.51 12.60
CA ALA A 147 2.93 -20.64 13.29
C ALA A 147 2.21 -21.94 13.04
N ILE A 148 2.92 -22.88 12.43
CA ILE A 148 2.37 -24.19 12.13
C ILE A 148 3.25 -25.30 12.75
N GLY A 149 4.30 -24.88 13.47
CA GLY A 149 5.25 -25.83 14.03
C GLY A 149 6.10 -25.23 15.15
N ILE A 150 6.64 -26.10 16.00
CA ILE A 150 7.54 -25.67 17.07
C ILE A 150 8.48 -26.81 17.45
N LEU A 151 9.70 -26.45 17.84
CA LEU A 151 10.72 -27.37 18.29
C LEU A 151 11.35 -26.78 19.56
N ARG A 152 11.35 -27.56 20.65
CA ARG A 152 12.04 -27.11 21.86
C ARG A 152 13.53 -27.37 21.72
N THR A 153 14.30 -26.30 21.71
CA THR A 153 15.69 -26.39 21.30
C THR A 153 16.66 -26.35 22.50
N GLY A 154 16.18 -25.87 23.65
CA GLY A 154 16.98 -25.81 24.86
C GLY A 154 16.16 -25.56 26.12
N VAL A 155 16.73 -25.95 27.27
CA VAL A 155 16.03 -25.89 28.55
C VAL A 155 16.39 -24.59 29.36
N ARG A 156 15.67 -24.32 30.44
CA ARG A 156 16.08 -23.25 31.36
C ARG A 156 17.24 -23.75 32.24
N PRO A 157 18.10 -22.83 32.73
CA PRO A 157 19.19 -23.33 33.58
C PRO A 157 18.69 -23.70 34.97
N TYR A 158 19.40 -24.62 35.62
CA TYR A 158 18.98 -24.98 36.97
CA TYR A 158 19.45 -24.85 37.07
C TYR A 158 18.83 -23.73 37.88
N VAL A 159 18.56 -23.97 39.17
CA VAL A 159 18.36 -22.92 40.20
C VAL A 159 18.11 -23.58 41.56
N GLY A 160 17.43 -24.71 41.51
CA GLY A 160 17.10 -25.52 42.70
C GLY A 160 17.50 -24.99 44.06
N SER A 161 18.38 -25.69 44.79
CA SER A 161 19.26 -26.77 44.29
C SER A 161 18.68 -27.89 43.39
N GLU A 162 18.75 -27.66 42.09
CA GLU A 162 18.35 -28.65 41.09
C GLU A 162 19.57 -29.34 40.52
N LYS A 163 20.68 -28.61 40.40
CA LYS A 163 21.91 -29.14 39.82
C LYS A 163 22.37 -30.39 40.56
N ALA A 164 22.51 -30.29 41.88
CA ALA A 164 22.89 -31.45 42.71
C ALA A 164 21.90 -32.60 42.60
N LYS A 165 20.62 -32.28 42.38
CA LYS A 165 19.58 -33.31 42.20
C LYS A 165 19.72 -33.97 40.84
N ALA A 166 19.86 -33.14 39.81
CA ALA A 166 20.06 -33.58 38.43
C ALA A 166 21.29 -34.46 38.32
N GLY A 167 22.37 -34.07 38.99
CA GLY A 167 23.57 -34.90 39.09
C GLY A 167 23.29 -36.32 39.57
N ILE A 168 22.45 -36.44 40.60
CA ILE A 168 22.08 -37.75 41.14
C ILE A 168 21.23 -38.54 40.13
N MET A 169 20.28 -37.85 39.49
CA MET A 169 19.39 -38.48 38.51
C MET A 169 20.17 -39.02 37.31
N GLU A 170 21.16 -38.24 36.88
CA GLU A 170 22.04 -38.60 35.76
C GLU A 170 22.97 -39.77 36.10
N LYS A 171 23.85 -39.58 37.09
CA LYS A 171 24.93 -40.55 37.35
C LYS A 171 24.50 -41.82 38.10
N ILE A 172 23.54 -41.68 39.02
CA ILE A 172 23.11 -42.80 39.85
C ILE A 172 21.92 -43.56 39.26
N ASN A 173 20.90 -42.83 38.82
CA ASN A 173 19.68 -43.44 38.29
C ASN A 173 19.67 -43.59 36.77
N HIS A 174 20.71 -43.06 36.12
CA HIS A 174 20.92 -43.14 34.67
C HIS A 174 19.72 -42.61 33.85
N LYS A 175 19.13 -41.53 34.37
CA LYS A 175 18.01 -40.90 33.68
C LYS A 175 18.60 -40.07 32.56
N THR A 176 17.98 -40.19 31.37
CA THR A 176 18.45 -39.30 30.24
C THR A 176 18.08 -37.84 30.64
N PRO A 177 18.79 -36.83 30.04
CA PRO A 177 18.56 -35.40 30.35
C PRO A 177 17.11 -34.94 30.30
N GLU A 178 16.35 -35.38 29.25
CA GLU A 178 14.96 -34.93 29.07
C GLU A 178 14.05 -35.53 30.16
N GLU A 179 14.42 -36.69 30.69
CA GLU A 179 13.70 -37.28 31.84
C GLU A 179 13.96 -36.49 33.12
N ILE A 180 15.13 -35.86 33.17
CA ILE A 180 15.52 -35.07 34.32
C ILE A 180 14.63 -33.84 34.38
N TYR A 181 14.34 -33.27 33.21
CA TYR A 181 13.49 -32.10 33.11
C TYR A 181 12.04 -32.40 33.45
N GLU A 182 11.52 -33.52 32.94
CA GLU A 182 10.16 -33.94 33.29
C GLU A 182 10.00 -34.05 34.81
N ALA A 183 10.88 -34.86 35.41
CA ALA A 183 10.88 -35.10 36.87
C ALA A 183 11.04 -33.85 37.73
N LEU A 184 11.63 -32.78 37.18
CA LEU A 184 11.85 -31.54 37.93
C LEU A 184 10.75 -30.50 37.72
N GLY A 185 9.71 -30.86 36.98
CA GLY A 185 8.59 -29.96 36.70
C GLY A 185 8.82 -28.92 35.61
N PHE A 186 9.87 -29.10 34.83
CA PHE A 186 10.20 -28.17 33.73
C PHE A 186 9.09 -28.10 32.67
N ASN A 187 8.16 -29.03 32.72
CA ASN A 187 7.10 -29.13 31.72
C ASN A 187 5.73 -28.69 32.22
N LYS A 188 5.66 -28.29 33.49
CA LYS A 188 4.42 -27.78 34.10
C LYS A 188 3.69 -26.78 33.21
N ASP A 189 4.39 -25.74 32.78
CA ASP A 189 3.80 -24.69 31.95
C ASP A 189 4.30 -24.71 30.50
N GLU A 190 4.37 -25.91 29.91
CA GLU A 190 4.90 -26.09 28.55
C GLU A 190 3.98 -25.54 27.45
N SER A 191 2.68 -25.82 27.55
CA SER A 191 1.67 -25.30 26.61
C SER A 191 1.70 -23.78 26.55
N GLN A 192 1.62 -23.15 27.71
CA GLN A 192 1.61 -21.70 27.82
C GLN A 192 2.86 -21.10 27.18
N ARG A 193 4.01 -21.71 27.40
CA ARG A 193 5.26 -21.23 26.82
C ARG A 193 5.29 -21.29 25.29
N GLN A 194 4.76 -22.38 24.75
CA GLN A 194 4.69 -22.58 23.30
C GLN A 194 3.76 -21.57 22.65
N GLU A 195 2.68 -21.23 23.35
CA GLU A 195 1.70 -20.29 22.85
C GLU A 195 2.33 -18.89 22.74
N LYS A 196 3.05 -18.50 23.79
CA LYS A 196 3.85 -17.26 23.78
C LYS A 196 4.92 -17.29 22.68
N ALA A 197 5.63 -18.41 22.55
CA ALA A 197 6.71 -18.54 21.55
C ALA A 197 6.23 -18.30 20.13
N LYS A 198 5.10 -18.93 19.77
CA LYS A 198 4.49 -18.79 18.46
C LYS A 198 4.06 -17.35 18.20
N GLN A 199 3.45 -16.72 19.19
CA GLN A 199 3.02 -15.34 19.05
C GLN A 199 4.22 -14.42 18.81
N GLN A 200 5.33 -14.69 19.51
CA GLN A 200 6.55 -13.89 19.39
C GLN A 200 7.19 -14.07 18.01
N ALA A 201 7.18 -15.29 17.51
CA ALA A 201 7.69 -15.58 16.17
C ALA A 201 6.85 -14.92 15.08
N GLU A 202 5.55 -14.83 15.32
CA GLU A 202 4.61 -14.23 14.39
C GLU A 202 4.85 -12.74 14.31
N ASP A 203 5.20 -12.15 15.45
CA ASP A 203 5.55 -10.73 15.50
C ASP A 203 6.87 -10.43 14.81
N ALA A 204 7.84 -11.34 14.95
CA ALA A 204 9.10 -11.18 14.23
C ALA A 204 8.85 -11.11 12.72
N TRP A 205 8.03 -12.03 12.20
CA TRP A 205 7.61 -12.03 10.80
C TRP A 205 7.03 -10.68 10.35
N ASP A 206 6.16 -10.09 11.16
CA ASP A 206 5.57 -8.78 10.84
C ASP A 206 6.59 -7.65 10.89
N ARG A 207 7.70 -7.84 11.60
CA ARG A 207 8.76 -6.81 11.69
CA ARG A 207 8.73 -6.81 11.66
C ARG A 207 9.77 -6.96 10.55
N LEU A 208 9.61 -7.98 9.71
CA LEU A 208 10.52 -8.17 8.57
C LEU A 208 10.28 -7.06 7.55
N PRO A 209 11.36 -6.49 6.99
CA PRO A 209 11.22 -5.31 6.13
C PRO A 209 10.03 -5.31 5.12
N PRO A 210 9.87 -6.35 4.29
CA PRO A 210 8.74 -6.24 3.34
C PRO A 210 7.37 -6.19 4.01
N ASN A 211 7.30 -6.64 5.27
CA ASN A 211 6.09 -6.64 6.09
C ASN A 211 5.90 -5.38 6.94
N VAL A 212 6.85 -4.45 6.86
CA VAL A 212 6.81 -3.24 7.66
C VAL A 212 5.92 -2.21 6.99
N ARG A 213 5.14 -1.50 7.82
CA ARG A 213 4.13 -0.54 7.40
C ARG A 213 4.34 0.82 8.05
N LYS A 214 5.30 0.88 8.97
CA LYS A 214 5.63 2.08 9.71
CA LYS A 214 5.63 2.10 9.71
C LYS A 214 7.00 2.60 9.27
N PHE A 215 7.07 3.81 8.76
CA PHE A 215 8.34 4.34 8.29
C PHE A 215 8.75 5.65 8.98
N ASP A 216 9.96 5.67 9.55
CA ASP A 216 10.57 6.90 10.13
C ASP A 216 11.46 7.59 9.09
N VAL A 217 11.03 8.73 8.57
CA VAL A 217 11.68 9.34 7.42
C VAL A 217 12.29 10.69 7.72
N ASP A 218 13.58 10.84 7.42
CA ASP A 218 14.32 12.07 7.71
C ASP A 218 14.36 12.87 6.42
N VAL A 219 13.72 14.03 6.42
CA VAL A 219 13.75 14.97 5.30
C VAL A 219 14.35 16.26 5.85
N GLU A 220 15.48 16.66 5.30
CA GLU A 220 16.21 17.83 5.78
C GLU A 220 16.32 17.84 7.31
N GLN A 221 16.44 16.66 7.92
CA GLN A 221 16.60 16.53 9.38
C GLN A 221 15.32 16.71 10.19
N PHE A 222 14.19 16.96 9.52
CA PHE A 222 12.90 16.80 10.17
C PHE A 222 12.56 15.32 10.10
N HIS A 223 11.77 14.79 11.04
CA HIS A 223 11.38 13.38 10.97
C HIS A 223 9.88 13.24 10.83
N TYR A 224 9.44 12.22 10.09
CA TYR A 224 8.01 11.95 9.88
C TYR A 224 7.78 10.47 10.01
N LEU A 225 6.79 10.10 10.81
CA LEU A 225 6.29 8.77 10.86
C LEU A 225 5.22 8.62 9.77
N VAL A 226 5.49 7.80 8.76
CA VAL A 226 4.51 7.51 7.73
C VAL A 226 4.00 6.10 7.92
N VAL A 227 2.69 5.95 8.05
CA VAL A 227 2.07 4.63 8.13
C VAL A 227 1.30 4.33 6.83
N LEU A 228 1.46 3.09 6.36
CA LEU A 228 0.87 2.59 5.12
C LEU A 228 0.04 1.35 5.41
N ASP A 229 -0.96 1.06 4.55
CA ASP A 229 -1.61 -0.26 4.54
C ASP A 229 -0.90 -1.24 3.59
N ASP A 230 -1.41 -2.47 3.47
CA ASP A 230 -0.77 -3.52 2.68
C ASP A 230 -0.80 -3.28 1.16
N TYR A 231 -1.43 -2.20 0.73
CA TYR A 231 -1.48 -1.85 -0.69
C TYR A 231 -0.76 -0.53 -0.98
N GLY A 232 -0.12 0.03 0.05
CA GLY A 232 0.70 1.23 -0.10
C GLY A 232 -0.06 2.53 0.06
N ASN A 233 -1.36 2.45 0.35
CA ASN A 233 -2.12 3.67 0.64
C ASN A 233 -1.57 4.31 1.93
N VAL A 234 -1.55 5.64 2.01
CA VAL A 234 -1.05 6.32 3.20
C VAL A 234 -2.16 6.46 4.25
N LEU A 235 -1.96 5.85 5.41
CA LEU A 235 -2.94 6.00 6.49
C LEU A 235 -2.69 7.29 7.28
N SER A 236 -1.43 7.65 7.46
CA SER A 236 -1.08 8.89 8.17
C SER A 236 0.36 9.25 7.95
N VAL A 237 0.63 10.53 8.16
CA VAL A 237 1.97 11.05 8.22
C VAL A 237 1.98 12.02 9.40
N THR A 238 2.98 11.92 10.26
CA THR A 238 3.05 12.73 11.46
C THR A 238 4.51 13.15 11.71
N ARG A 239 4.71 14.46 11.88
CA ARG A 239 6.02 14.99 12.24
C ARG A 239 6.40 14.56 13.67
N THR A 240 7.58 13.95 13.83
CA THR A 240 8.01 13.46 15.15
C THR A 240 9.24 14.19 15.68
N GLY A 241 9.91 14.97 14.85
CA GLY A 241 11.12 15.69 15.22
C GLY A 241 11.25 16.87 14.24
N VAL A 242 11.82 17.97 14.69
CA VAL A 242 12.22 19.04 13.79
C VAL A 242 13.74 19.08 13.67
N ARG A 243 14.26 19.89 12.76
CA ARG A 243 15.69 20.01 12.56
C ARG A 243 16.34 20.89 13.65
N PRO A 244 17.64 20.67 13.93
CA PRO A 244 18.36 21.58 14.85
C PRO A 244 18.37 23.03 14.39
N TYR A 245 18.54 23.96 15.32
CA TYR A 245 18.67 25.36 15.00
C TYR A 245 20.05 25.56 14.41
N VAL A 246 20.21 26.51 13.49
CA VAL A 246 21.47 26.72 12.78
C VAL A 246 21.84 28.19 12.92
N GLY A 247 23.10 28.47 13.18
CA GLY A 247 23.56 29.85 13.17
C GLY A 247 22.76 30.69 14.14
N SER A 248 22.32 31.86 13.68
CA SER A 248 21.63 32.82 14.55
C SER A 248 20.24 32.38 15.00
N GLU A 249 19.72 31.28 14.46
CA GLU A 249 18.51 30.71 15.01
C GLU A 249 18.69 30.29 16.49
N LYS A 250 19.91 29.89 16.89
CA LYS A 250 20.09 29.40 18.26
C LYS A 250 19.82 30.50 19.27
N ALA A 251 20.42 31.66 19.04
CA ALA A 251 20.21 32.80 19.90
C ALA A 251 18.74 33.22 19.88
N LYS A 252 18.14 33.23 18.68
CA LYS A 252 16.77 33.69 18.54
C LYS A 252 15.89 32.82 19.37
N ALA A 253 16.12 31.52 19.26
CA ALA A 253 15.37 30.53 20.00
C ALA A 253 15.56 30.64 21.52
N GLY A 254 16.79 30.92 21.97
CA GLY A 254 17.04 30.96 23.41
C GLY A 254 16.29 32.15 23.99
N ILE A 255 16.28 33.26 23.24
CA ILE A 255 15.60 34.46 23.63
C ILE A 255 14.06 34.23 23.61
N MET A 256 13.54 33.62 22.57
CA MET A 256 12.11 33.39 22.49
C MET A 256 11.65 32.54 23.66
N ASP A 257 12.46 31.57 24.04
CA ASP A 257 12.13 30.70 25.14
C ASP A 257 12.19 31.46 26.47
N LYS A 258 13.34 32.05 26.81
CA LYS A 258 13.57 32.60 28.17
C LYS A 258 13.09 34.03 28.38
N VAL A 259 13.14 34.87 27.34
CA VAL A 259 12.60 36.21 27.45
C VAL A 259 11.10 36.25 27.09
N ASP A 260 10.67 35.48 26.11
CA ASP A 260 9.31 35.67 25.62
C ASP A 260 8.38 34.54 26.05
N HIS A 261 8.92 33.42 26.53
CA HIS A 261 8.13 32.28 27.07
C HIS A 261 7.36 31.56 26.00
N LYS A 262 7.94 31.49 24.81
CA LYS A 262 7.36 30.78 23.72
C LYS A 262 7.56 29.28 23.93
N THR A 263 6.58 28.51 23.47
CA THR A 263 6.66 27.07 23.49
C THR A 263 7.59 26.69 22.35
N PRO A 264 8.14 25.47 22.37
CA PRO A 264 8.92 25.04 21.20
C PRO A 264 8.13 25.15 19.88
N GLU A 265 6.86 24.76 19.89
CA GLU A 265 6.06 24.82 18.65
C GLU A 265 5.97 26.24 18.12
N GLU A 266 5.79 27.20 19.02
CA GLU A 266 5.70 28.57 18.57
C GLU A 266 7.06 29.07 18.07
N ILE A 267 8.15 28.55 18.64
CA ILE A 267 9.49 28.90 18.16
C ILE A 267 9.71 28.36 16.76
N TYR A 268 9.34 27.11 16.52
CA TYR A 268 9.48 26.54 15.17
C TYR A 268 8.69 27.38 14.14
N GLU A 269 7.47 27.77 14.47
CA GLU A 269 6.66 28.57 13.56
C GLU A 269 7.40 29.88 13.22
N ALA A 270 7.89 30.55 14.27
CA ALA A 270 8.50 31.88 14.08
C ALA A 270 9.81 31.86 13.30
N LEU A 271 10.51 30.72 13.31
CA LEU A 271 11.75 30.56 12.57
C LEU A 271 11.56 30.03 11.15
N GLY A 272 10.31 29.72 10.78
CA GLY A 272 9.99 29.34 9.40
C GLY A 272 9.89 27.85 9.23
N PHE A 273 10.02 27.10 10.34
CA PHE A 273 10.11 25.64 10.25
C PHE A 273 8.89 25.04 9.54
N ASN A 274 7.79 25.78 9.52
CA ASN A 274 6.54 25.24 8.97
C ASN A 274 6.28 25.64 7.53
N ASN A 275 7.10 26.56 7.02
CA ASN A 275 6.93 27.09 5.67
C ASN A 275 6.82 25.99 4.62
N GLU A 276 7.64 24.95 4.76
CA GLU A 276 7.69 23.89 3.77
C GLU A 276 7.29 22.56 4.37
N GLU A 277 6.55 22.62 5.46
CA GLU A 277 6.00 21.39 6.05
C GLU A 277 5.13 20.54 5.07
N PRO A 278 4.24 21.16 4.25
CA PRO A 278 3.47 20.32 3.31
C PRO A 278 4.33 19.56 2.30
N GLN A 279 5.32 20.24 1.74
CA GLN A 279 6.22 19.67 0.75
CA GLN A 279 6.24 19.68 0.74
C GLN A 279 7.04 18.53 1.33
N ARG A 280 7.63 18.76 2.52
CA ARG A 280 8.43 17.72 3.16
C ARG A 280 7.58 16.50 3.47
N GLN A 281 6.34 16.73 3.89
CA GLN A 281 5.45 15.60 4.18
C GLN A 281 5.16 14.81 2.90
N ASN A 282 5.00 15.50 1.77
CA ASN A 282 4.80 14.79 0.50
C ASN A 282 6.02 13.92 0.17
N GLN A 283 7.21 14.49 0.35
CA GLN A 283 8.46 13.75 0.15
C GLN A 283 8.51 12.48 1.01
N ALA A 284 8.15 12.61 2.29
CA ALA A 284 8.16 11.45 3.17
C ALA A 284 7.13 10.38 2.77
N LYS A 285 5.95 10.83 2.34
CA LYS A 285 4.88 9.91 1.86
C LYS A 285 5.44 9.10 0.70
N LYS A 286 6.10 9.81 -0.20
CA LYS A 286 6.66 9.24 -1.42
C LYS A 286 7.79 8.26 -1.12
N ALA A 287 8.73 8.69 -0.32
CA ALA A 287 9.85 7.85 0.07
C ALA A 287 9.38 6.58 0.75
N ALA A 288 8.44 6.71 1.69
CA ALA A 288 7.95 5.53 2.39
C ALA A 288 7.30 4.57 1.39
N TYR A 289 6.51 5.12 0.47
CA TYR A 289 5.87 4.30 -0.56
C TYR A 289 6.93 3.63 -1.41
N ASP A 290 7.92 4.39 -1.87
CA ASP A 290 8.96 3.81 -2.71
C ASP A 290 9.73 2.67 -2.07
N VAL A 291 10.03 2.77 -0.77
CA VAL A 291 10.63 1.61 -0.05
C VAL A 291 9.65 0.43 0.06
N PHE A 292 8.42 0.72 0.46
CA PHE A 292 7.34 -0.29 0.46
C PHE A 292 7.20 -0.97 -0.92
N TYR A 293 7.23 -0.17 -1.98
CA TYR A 293 7.07 -0.70 -3.35
C TYR A 293 8.27 -1.50 -3.84
N SER A 294 9.39 -1.40 -3.15
CA SER A 294 10.63 -1.98 -3.62
C SER A 294 10.67 -3.47 -3.29
N PHE A 295 9.70 -3.95 -2.50
CA PHE A 295 9.65 -5.35 -2.12
C PHE A 295 8.73 -6.13 -3.06
N SER A 296 9.24 -7.19 -3.66
CA SER A 296 8.45 -7.99 -4.58
C SER A 296 7.20 -8.58 -3.93
N MET A 297 7.32 -8.96 -2.66
CA MET A 297 6.20 -9.45 -1.87
C MET A 297 5.02 -8.48 -1.97
N ASN A 298 5.34 -7.20 -1.94
CA ASN A 298 4.37 -6.11 -1.95
C ASN A 298 3.80 -5.79 -3.34
N ARG A 299 4.65 -5.87 -4.37
CA ARG A 299 4.27 -5.59 -5.72
C ARG A 299 3.32 -6.72 -6.15
N ASP A 300 3.66 -7.96 -5.79
CA ASP A 300 2.86 -9.12 -6.11
C ASP A 300 1.48 -9.10 -5.46
N ARG A 301 1.38 -8.66 -4.21
CA ARG A 301 0.08 -8.59 -3.57
C ARG A 301 -0.80 -7.57 -4.33
N ILE A 302 -0.24 -6.42 -4.67
CA ILE A 302 -0.93 -5.41 -5.46
C ILE A 302 -1.33 -5.95 -6.84
N GLN A 303 -0.52 -6.85 -7.41
CA GLN A 303 -0.77 -7.36 -8.74
C GLN A 303 -2.00 -8.31 -8.68
N SER A 304 -1.95 -9.29 -7.77
CA SER A 304 -3.06 -10.21 -7.59
C SER A 304 -4.35 -9.54 -7.15
N ASP A 305 -4.27 -8.63 -6.18
CA ASP A 305 -5.46 -8.17 -5.49
C ASP A 305 -6.06 -6.91 -6.08
N VAL A 306 -5.28 -6.20 -6.91
CA VAL A 306 -5.74 -4.92 -7.43
C VAL A 306 -5.74 -4.87 -8.95
N LEU A 307 -4.57 -5.01 -9.56
CA LEU A 307 -4.41 -4.76 -11.00
C LEU A 307 -5.09 -5.85 -11.84
N ASN A 308 -4.90 -7.11 -11.43
CA ASN A 308 -5.50 -8.25 -12.08
C ASN A 308 -7.00 -8.16 -12.02
N LYS A 309 -7.52 -7.73 -10.86
CA LYS A 309 -8.96 -7.66 -10.61
C LYS A 309 -9.58 -6.59 -11.47
N ALA A 310 -8.99 -5.40 -11.44
CA ALA A 310 -9.43 -4.29 -12.27
C ALA A 310 -9.44 -4.67 -13.74
N ALA A 311 -8.41 -5.39 -14.19
CA ALA A 311 -8.31 -5.88 -15.57
C ALA A 311 -9.46 -6.82 -15.92
N GLU A 312 -9.76 -7.76 -15.03
CA GLU A 312 -10.87 -8.69 -15.21
C GLU A 312 -12.18 -7.94 -15.36
N VAL A 313 -12.34 -6.85 -14.59
CA VAL A 313 -13.57 -6.09 -14.60
C VAL A 313 -13.71 -5.33 -15.92
N ILE A 314 -12.62 -4.69 -16.35
CA ILE A 314 -12.60 -4.04 -17.65
C ILE A 314 -12.87 -5.04 -18.79
N SER A 315 -12.49 -6.30 -18.60
CA SER A 315 -12.71 -7.33 -19.62
C SER A 315 -14.18 -7.67 -19.76
N ASP A 316 -14.83 -7.98 -18.63
CA ASP A 316 -16.26 -8.27 -18.56
C ASP A 316 -17.09 -7.20 -19.28
N ILE A 317 -16.74 -5.94 -19.05
CA ILE A 317 -17.40 -4.82 -19.71
C ILE A 317 -17.22 -4.93 -21.21
N GLY A 318 -16.02 -5.31 -21.64
CA GLY A 318 -15.73 -5.52 -23.06
C GLY A 318 -16.61 -6.58 -23.74
N ASN A 319 -17.06 -7.57 -22.97
CA ASN A 319 -17.99 -8.57 -23.48
C ASN A 319 -19.43 -8.07 -23.44
N LYS A 320 -19.83 -7.48 -22.32
CA LYS A 320 -21.13 -6.84 -22.18
C LYS A 320 -21.39 -5.85 -23.32
N VAL A 321 -20.55 -4.82 -23.40
CA VAL A 321 -20.77 -3.73 -24.32
C VAL A 321 -20.42 -4.14 -25.75
N GLY A 322 -19.43 -5.01 -25.92
CA GLY A 322 -19.02 -5.51 -27.23
C GLY A 322 -20.14 -6.18 -28.03
N ASP A 323 -21.03 -6.85 -27.32
CA ASP A 323 -22.23 -7.46 -27.92
C ASP A 323 -23.17 -6.42 -28.54
N TYR A 324 -23.26 -5.25 -27.93
CA TYR A 324 -24.13 -4.18 -28.42
C TYR A 324 -23.37 -3.18 -29.27
N LEU A 325 -22.08 -3.41 -29.49
CA LEU A 325 -21.24 -2.36 -30.08
C LEU A 325 -20.09 -2.85 -30.96
N GLY A 326 -19.98 -4.17 -31.13
CA GLY A 326 -19.03 -4.74 -32.08
C GLY A 326 -17.71 -5.15 -31.46
N ASP A 327 -16.90 -5.88 -32.23
CA ASP A 327 -15.62 -6.37 -31.70
C ASP A 327 -14.48 -5.36 -31.82
N ALA A 328 -14.79 -4.14 -32.26
CA ALA A 328 -13.83 -3.04 -32.24
C ALA A 328 -13.72 -2.51 -30.81
N TYR A 329 -14.85 -2.50 -30.11
CA TYR A 329 -14.88 -2.13 -28.71
C TYR A 329 -14.35 -3.28 -27.84
N LYS A 330 -14.68 -4.51 -28.19
CA LYS A 330 -14.11 -5.67 -27.52
C LYS A 330 -12.59 -5.55 -27.54
N SER A 331 -12.06 -5.23 -28.72
CA SER A 331 -10.63 -5.08 -28.93
C SER A 331 -10.05 -3.98 -28.03
N LEU A 332 -10.69 -2.80 -28.07
CA LEU A 332 -10.27 -1.65 -27.28
C LEU A 332 -10.30 -1.95 -25.78
N ALA A 333 -11.38 -2.60 -25.34
CA ALA A 333 -11.55 -2.95 -23.94
C ALA A 333 -10.41 -3.84 -23.48
N ARG A 334 -9.87 -4.63 -24.41
CA ARG A 334 -8.78 -5.52 -24.08
C ARG A 334 -7.41 -4.85 -24.08
N GLU A 335 -7.29 -3.71 -24.77
CA GLU A 335 -6.08 -2.93 -24.73
C GLU A 335 -5.99 -2.25 -23.37
N ILE A 336 -7.14 -1.73 -22.91
CA ILE A 336 -7.23 -1.04 -21.64
C ILE A 336 -6.97 -2.01 -20.48
N ALA A 337 -7.66 -3.13 -20.49
CA ALA A 337 -7.48 -4.16 -19.47
C ALA A 337 -6.01 -4.58 -19.38
N ASP A 338 -5.39 -4.81 -20.53
CA ASP A 338 -3.99 -5.20 -20.61
C ASP A 338 -3.06 -4.18 -19.98
N ASP A 339 -3.31 -2.91 -20.28
CA ASP A 339 -2.54 -1.79 -19.74
C ASP A 339 -2.79 -1.59 -18.25
N VAL A 340 -3.99 -1.92 -17.78
CA VAL A 340 -4.29 -1.87 -16.36
C VAL A 340 -3.49 -2.95 -15.63
N LYS A 341 -3.49 -4.15 -16.22
CA LYS A 341 -2.76 -5.30 -15.68
C LYS A 341 -1.24 -5.10 -15.64
N ASN A 342 -0.70 -4.32 -16.58
CA ASN A 342 0.73 -4.10 -16.64
C ASN A 342 1.06 -2.70 -16.15
N PHE A 343 0.24 -2.20 -15.23
CA PHE A 343 0.35 -0.81 -14.77
C PHE A 343 1.59 -0.57 -13.90
N GLN A 344 2.06 -1.62 -13.20
CA GLN A 344 3.40 -1.63 -12.60
C GLN A 344 3.67 -0.45 -11.66
N GLY A 345 4.71 0.31 -11.96
CA GLY A 345 5.08 1.44 -11.12
C GLY A 345 4.65 2.76 -11.74
N LYS A 346 3.60 2.72 -12.54
CA LYS A 346 3.15 3.93 -13.21
C LYS A 346 2.21 4.73 -12.30
N THR A 347 2.11 6.03 -12.54
CA THR A 347 1.14 6.81 -11.81
C THR A 347 0.06 7.30 -12.77
N ILE A 348 -1.19 7.33 -12.32
CA ILE A 348 -2.27 7.83 -13.15
C ILE A 348 -1.96 9.23 -13.67
N ARG A 349 -2.37 9.48 -14.90
CA ARG A 349 -2.18 10.77 -15.56
C ARG A 349 -2.85 11.91 -14.79
N SER A 350 -2.37 13.12 -14.97
CA SER A 350 -2.93 14.27 -14.25
C SER A 350 -4.37 14.60 -14.64
N TYR A 351 -5.10 15.24 -13.74
CA TYR A 351 -6.41 15.82 -14.03
C TYR A 351 -6.42 16.63 -15.34
N ASP A 352 -5.49 17.58 -15.47
CA ASP A 352 -5.39 18.41 -16.68
C ASP A 352 -5.19 17.56 -17.93
N ASP A 353 -4.34 16.54 -17.86
CA ASP A 353 -4.11 15.65 -19.00
C ASP A 353 -5.28 14.73 -19.26
N ALA A 354 -5.85 14.19 -18.19
CA ALA A 354 -6.97 13.29 -18.31
C ALA A 354 -8.17 14.03 -18.92
N MET A 355 -8.47 15.23 -18.41
CA MET A 355 -9.56 16.04 -18.95
C MET A 355 -9.42 16.30 -20.44
N ALA A 356 -8.22 16.64 -20.90
CA ALA A 356 -7.98 16.92 -22.32
C ALA A 356 -8.25 15.70 -23.21
N SER A 357 -7.92 14.51 -22.72
CA SER A 357 -8.19 13.27 -23.43
C SER A 357 -9.68 12.94 -23.39
N LEU A 358 -10.35 13.28 -22.30
CA LEU A 358 -11.77 13.04 -22.16
C LEU A 358 -12.52 13.99 -23.09
N ASN A 359 -12.11 15.26 -23.10
CA ASN A 359 -12.72 16.28 -23.94
C ASN A 359 -12.59 15.98 -25.43
N LYS A 360 -11.56 15.22 -25.81
CA LYS A 360 -11.38 14.81 -27.21
C LYS A 360 -12.46 13.84 -27.65
N VAL A 361 -12.93 13.05 -26.69
CA VAL A 361 -14.01 12.11 -26.93
C VAL A 361 -15.37 12.81 -26.87
N LEU A 362 -15.56 13.65 -25.86
CA LEU A 362 -16.83 14.34 -25.64
C LEU A 362 -17.14 15.40 -26.71
N SER A 363 -16.12 15.88 -27.40
CA SER A 363 -16.29 16.90 -28.42
C SER A 363 -16.52 16.30 -29.80
N ASN A 364 -16.50 14.97 -29.91
CA ASN A 364 -16.85 14.32 -31.16
C ASN A 364 -18.35 14.53 -31.46
N PRO A 365 -18.66 15.14 -32.63
CA PRO A 365 -20.07 15.38 -32.97
C PRO A 365 -20.86 14.08 -33.06
N GLY A 366 -20.23 13.02 -33.57
CA GLY A 366 -20.82 11.70 -33.66
C GLY A 366 -21.16 11.05 -32.33
N PHE A 367 -20.69 11.67 -31.24
CA PHE A 367 -21.01 11.18 -29.90
C PHE A 367 -21.90 12.16 -29.13
N LYS A 368 -23.19 12.07 -29.41
CA LYS A 368 -24.19 12.76 -28.60
C LYS A 368 -25.25 11.75 -28.22
N PHE A 369 -25.71 11.82 -26.98
CA PHE A 369 -26.79 10.97 -26.53
C PHE A 369 -27.98 11.81 -26.13
N ASN A 370 -29.18 11.25 -26.29
CA ASN A 370 -30.40 11.99 -26.04
C ASN A 370 -30.48 12.43 -24.59
N ARG A 371 -31.10 13.59 -24.35
CA ARG A 371 -31.37 14.05 -23.00
C ARG A 371 -32.14 12.98 -22.21
N ALA A 372 -33.11 12.35 -22.86
CA ALA A 372 -33.86 11.24 -22.27
C ALA A 372 -32.94 10.08 -21.84
N ASP A 373 -32.02 9.70 -22.72
CA ASP A 373 -31.05 8.66 -22.42
C ASP A 373 -30.17 9.01 -21.20
N SER A 374 -29.59 10.21 -21.24
CA SER A 374 -28.65 10.67 -20.23
C SER A 374 -29.25 10.71 -18.82
N ASP A 375 -30.35 11.44 -18.64
CA ASP A 375 -30.94 11.54 -17.29
C ASP A 375 -31.67 10.27 -16.80
N ALA A 376 -31.90 9.31 -17.70
CA ALA A 376 -32.34 7.97 -17.32
C ALA A 376 -31.18 7.14 -16.79
N LEU A 377 -30.01 7.34 -17.39
CA LEU A 377 -28.75 6.77 -16.89
C LEU A 377 -28.43 7.35 -15.51
N ALA A 378 -28.69 8.64 -15.34
CA ALA A 378 -28.61 9.30 -14.05
C ALA A 378 -29.59 8.68 -13.04
N ASN A 379 -30.83 8.42 -13.49
CA ASN A 379 -31.83 7.73 -12.65
C ASN A 379 -31.31 6.43 -12.03
N VAL A 380 -30.66 5.60 -12.86
CA VAL A 380 -30.10 4.32 -12.42
C VAL A 380 -29.10 4.52 -11.29
N TRP A 381 -28.23 5.52 -11.43
CA TRP A 381 -27.28 5.89 -10.38
C TRP A 381 -28.00 6.33 -9.11
N ARG A 382 -29.05 7.13 -9.26
CA ARG A 382 -29.83 7.63 -8.12
C ARG A 382 -30.45 6.49 -7.30
N SER A 383 -30.85 5.41 -7.98
CA SER A 383 -31.48 4.26 -7.34
C SER A 383 -30.45 3.34 -6.68
N ILE A 384 -29.18 3.49 -7.06
CA ILE A 384 -28.12 2.66 -6.50
C ILE A 384 -27.78 3.04 -5.06
N ASP A 385 -27.81 2.05 -4.18
CA ASP A 385 -27.39 2.22 -2.81
C ASP A 385 -25.89 2.06 -2.71
N ALA A 386 -25.23 3.10 -2.20
CA ALA A 386 -23.77 3.15 -2.11
C ALA A 386 -23.19 2.05 -1.20
N GLN A 387 -23.86 1.82 -0.08
CA GLN A 387 -23.45 0.76 0.84
C GLN A 387 -23.51 -0.63 0.20
N ASP A 388 -24.58 -0.89 -0.56
CA ASP A 388 -24.76 -2.17 -1.24
C ASP A 388 -23.64 -2.42 -2.24
N MET A 389 -23.35 -1.39 -3.04
CA MET A 389 -22.33 -1.50 -4.07
C MET A 389 -20.94 -1.72 -3.49
N ALA A 390 -20.62 -0.99 -2.42
CA ALA A 390 -19.33 -1.10 -1.75
C ALA A 390 -19.07 -2.52 -1.21
N ASN A 391 -20.09 -3.12 -0.61
CA ASN A 391 -19.99 -4.50 -0.12
C ASN A 391 -19.74 -5.52 -1.23
N LYS A 392 -20.27 -5.24 -2.42
CA LYS A 392 -20.00 -6.06 -3.60
C LYS A 392 -18.56 -5.92 -4.08
N LEU A 393 -18.02 -4.70 -4.02
CA LEU A 393 -16.60 -4.46 -4.28
C LEU A 393 -15.76 -5.21 -3.27
N GLY A 394 -16.20 -5.19 -2.02
CA GLY A 394 -15.62 -5.99 -0.95
C GLY A 394 -15.34 -7.44 -1.32
N ASN A 395 -16.13 -7.98 -2.23
CA ASN A 395 -15.98 -9.37 -2.66
C ASN A 395 -14.78 -9.62 -3.57
N ILE A 396 -14.25 -8.57 -4.17
CA ILE A 396 -13.17 -8.70 -5.14
C ILE A 396 -11.85 -9.09 -4.45
N SER A 397 -11.39 -8.25 -3.51
CA SER A 397 -10.20 -8.53 -2.73
C SER A 397 -10.20 -7.70 -1.44
N LYS A 398 -9.26 -7.98 -0.55
CA LYS A 398 -9.03 -7.20 0.67
C LYS A 398 -8.83 -5.70 0.40
N ALA A 399 -8.26 -5.37 -0.77
CA ALA A 399 -7.97 -4.00 -1.17
C ALA A 399 -9.23 -3.14 -1.38
N PHE A 400 -10.37 -3.80 -1.58
CA PHE A 400 -11.63 -3.12 -1.82
C PHE A 400 -12.48 -3.04 -0.55
N LYS A 401 -11.78 -3.07 0.59
CA LYS A 401 -12.39 -2.73 1.87
C LYS A 401 -11.35 -2.07 2.78
N PHE A 402 -11.00 -0.81 2.48
CA PHE A 402 -10.00 -0.05 3.27
C PHE A 402 -10.04 -0.30 4.79
N ALA A 403 -11.22 -0.23 5.41
CA ALA A 403 -12.53 -0.04 4.75
C ALA A 403 -13.07 1.39 4.84
N ASP A 404 -12.85 2.16 3.78
CA ASP A 404 -13.55 3.44 3.65
C ASP A 404 -15.02 3.10 3.46
N VAL A 405 -15.46 2.63 2.29
CA VAL A 405 -14.86 2.69 0.95
C VAL A 405 -16.10 3.18 0.22
N VAL A 406 -17.17 3.18 1.01
CA VAL A 406 -18.48 3.67 0.68
C VAL A 406 -18.38 5.11 0.22
N MET A 407 -17.53 5.89 0.91
CA MET A 407 -17.31 7.31 0.58
C MET A 407 -16.84 7.54 -0.85
N LYS A 408 -15.97 6.65 -1.34
CA LYS A 408 -15.47 6.76 -2.71
C LYS A 408 -16.56 6.39 -3.72
N VAL A 409 -17.34 5.36 -3.39
CA VAL A 409 -18.48 4.95 -4.20
C VAL A 409 -19.55 6.05 -4.25
N GLU A 410 -19.89 6.59 -3.08
CA GLU A 410 -20.92 7.63 -2.97
C GLU A 410 -20.57 8.86 -3.80
N LYS A 411 -19.28 9.18 -3.89
CA LYS A 411 -18.82 10.30 -4.69
C LYS A 411 -18.82 9.95 -6.18
N VAL A 412 -18.48 8.72 -6.52
CA VAL A 412 -18.58 8.29 -7.91
C VAL A 412 -20.05 8.33 -8.34
N ARG A 413 -20.94 7.85 -7.47
CA ARG A 413 -22.38 7.95 -7.68
C ARG A 413 -22.82 9.39 -7.96
N GLU A 414 -22.51 10.30 -7.03
CA GLU A 414 -23.03 11.66 -7.11
C GLU A 414 -22.40 12.51 -8.21
N LYS A 415 -21.20 12.16 -8.65
CA LYS A 415 -20.53 12.93 -9.69
C LYS A 415 -20.83 12.40 -11.09
N SER A 416 -21.17 11.12 -11.19
CA SER A 416 -21.73 10.56 -12.42
C SER A 416 -23.13 11.13 -12.67
N ILE A 417 -23.93 11.24 -11.62
CA ILE A 417 -25.23 11.91 -11.72
C ILE A 417 -25.02 13.29 -12.34
N GLU A 418 -24.11 14.07 -11.75
CA GLU A 418 -23.73 15.37 -12.25
C GLU A 418 -23.31 15.33 -13.73
N GLY A 419 -22.46 14.35 -14.06
CA GLY A 419 -22.03 14.10 -15.44
C GLY A 419 -23.21 13.90 -16.39
N TYR A 420 -24.06 12.94 -16.06
CA TYR A 420 -25.20 12.62 -16.91
C TYR A 420 -26.21 13.78 -17.03
N GLU A 421 -26.45 14.49 -15.94
CA GLU A 421 -27.39 15.62 -15.93
C GLU A 421 -26.88 16.87 -16.64
N THR A 422 -25.60 17.17 -16.47
CA THR A 422 -25.06 18.47 -16.91
C THR A 422 -24.03 18.38 -18.04
N GLY A 423 -23.62 17.17 -18.38
CA GLY A 423 -22.53 16.96 -19.34
C GLY A 423 -21.13 17.31 -18.84
N ASN A 424 -21.02 17.83 -17.61
CA ASN A 424 -19.74 18.21 -17.03
C ASN A 424 -19.15 17.07 -16.22
N TRP A 425 -18.12 16.43 -16.78
CA TRP A 425 -17.49 15.28 -16.14
C TRP A 425 -16.27 15.65 -15.27
N GLY A 426 -15.87 16.92 -15.33
CA GLY A 426 -14.81 17.47 -14.49
C GLY A 426 -14.84 16.99 -13.04
N PRO A 427 -15.94 17.27 -12.31
CA PRO A 427 -16.07 16.84 -10.91
C PRO A 427 -15.74 15.36 -10.69
N LEU A 428 -16.10 14.50 -11.66
CA LEU A 428 -15.86 13.07 -11.52
C LEU A 428 -14.36 12.77 -11.57
N MET A 429 -13.66 13.41 -12.50
CA MET A 429 -12.23 13.21 -12.67
C MET A 429 -11.41 13.87 -11.54
N LEU A 430 -11.86 15.01 -11.07
CA LEU A 430 -11.25 15.70 -9.94
C LEU A 430 -11.27 14.81 -8.70
N GLU A 431 -12.34 14.02 -8.54
CA GLU A 431 -12.53 13.20 -7.37
C GLU A 431 -11.48 12.10 -7.30
N VAL A 432 -11.17 11.50 -8.45
CA VAL A 432 -10.11 10.52 -8.55
C VAL A 432 -8.73 11.14 -8.30
N GLU A 433 -8.50 12.34 -8.82
CA GLU A 433 -7.26 13.05 -8.51
C GLU A 433 -7.12 13.19 -6.99
N SER A 434 -8.20 13.55 -6.30
CA SER A 434 -8.13 13.85 -4.88
C SER A 434 -7.82 12.59 -4.05
N TRP A 435 -8.18 11.43 -4.56
CA TRP A 435 -7.81 10.18 -3.88
C TRP A 435 -6.29 10.08 -3.82
N VAL A 436 -5.65 10.28 -4.97
CA VAL A 436 -4.21 10.15 -5.10
C VAL A 436 -3.46 11.25 -4.33
N LEU A 437 -3.94 12.48 -4.38
CA LEU A 437 -3.39 13.55 -3.53
C LEU A 437 -3.48 13.21 -2.04
N SER A 438 -4.47 12.41 -1.66
CA SER A 438 -4.64 11.94 -0.29
C SER A 438 -3.69 10.82 0.12
N GLY A 439 -3.03 10.17 -0.85
CA GLY A 439 -2.03 9.17 -0.53
C GLY A 439 -2.47 7.78 -0.94
N ILE A 440 -3.65 7.69 -1.54
CA ILE A 440 -4.12 6.44 -2.14
C ILE A 440 -3.19 6.14 -3.32
N ALA A 441 -2.71 4.91 -3.39
CA ALA A 441 -1.83 4.53 -4.49
C ALA A 441 -2.57 4.57 -5.84
N SER A 442 -1.87 5.03 -6.87
CA SER A 442 -2.39 5.07 -8.24
C SER A 442 -3.15 3.80 -8.62
N ALA A 443 -2.52 2.65 -8.35
CA ALA A 443 -3.10 1.35 -8.68
C ALA A 443 -4.47 1.15 -8.04
N VAL A 444 -4.56 1.49 -6.75
CA VAL A 444 -5.79 1.32 -5.98
C VAL A 444 -6.87 2.29 -6.48
N ALA A 445 -6.49 3.53 -6.81
CA ALA A 445 -7.43 4.52 -7.31
C ALA A 445 -8.06 4.05 -8.62
N LEU A 446 -7.19 3.62 -9.53
CA LEU A 446 -7.57 3.08 -10.80
C LEU A 446 -8.43 1.85 -10.59
N GLY A 447 -8.06 1.03 -9.61
CA GLY A 447 -8.77 -0.20 -9.28
C GLY A 447 -10.19 0.03 -8.80
N VAL A 448 -10.34 0.99 -7.90
CA VAL A 448 -11.64 1.33 -7.32
C VAL A 448 -12.55 2.08 -8.32
N PHE A 449 -11.95 3.01 -9.07
CA PHE A 449 -12.65 3.73 -10.15
C PHE A 449 -13.19 2.77 -11.20
N SER A 450 -12.32 1.96 -11.78
CA SER A 450 -12.70 0.90 -12.71
C SER A 450 -13.80 0.02 -12.18
N ALA A 451 -13.60 -0.55 -10.99
CA ALA A 451 -14.52 -1.55 -10.47
C ALA A 451 -15.90 -0.98 -10.12
N THR A 452 -15.94 0.28 -9.70
CA THR A 452 -17.20 0.93 -9.38
C THR A 452 -18.02 1.22 -10.66
N LEU A 453 -17.36 1.85 -11.63
CA LEU A 453 -17.91 2.06 -12.96
C LEU A 453 -18.34 0.75 -13.60
N GLY A 454 -17.51 -0.28 -13.48
CA GLY A 454 -17.82 -1.60 -13.98
C GLY A 454 -19.09 -2.18 -13.38
N ALA A 455 -19.21 -2.12 -12.05
CA ALA A 455 -20.39 -2.64 -11.35
C ALA A 455 -21.70 -2.01 -11.83
N TYR A 456 -21.63 -0.72 -12.17
CA TYR A 456 -22.76 -0.01 -12.75
C TYR A 456 -23.06 -0.55 -14.15
N ALA A 457 -22.03 -0.60 -14.98
CA ALA A 457 -22.16 -1.08 -16.36
C ALA A 457 -22.73 -2.51 -16.47
N LEU A 458 -22.40 -3.36 -15.52
CA LEU A 458 -22.87 -4.75 -15.55
C LEU A 458 -24.27 -4.95 -14.97
N SER A 459 -24.74 -3.97 -14.19
CA SER A 459 -26.09 -4.01 -13.63
C SER A 459 -27.17 -3.56 -14.64
N LEU A 460 -26.75 -3.01 -15.78
CA LEU A 460 -27.66 -2.54 -16.83
C LEU A 460 -28.15 -3.64 -17.79
N GLY A 461 -29.46 -3.89 -17.90
CA GLY A 461 -30.51 -3.34 -17.04
C GLY A 461 -30.91 -1.88 -17.21
N ALA A 462 -31.56 -1.50 -18.32
CA ALA A 462 -31.93 -2.33 -19.47
C ALA A 462 -32.30 -1.42 -20.67
N PRO A 463 -31.41 -0.46 -21.01
CA PRO A 463 -31.65 0.67 -21.94
C PRO A 463 -32.33 0.40 -23.32
N ALA A 464 -31.70 -0.30 -24.28
CA ALA A 464 -30.35 -0.87 -24.19
C ALA A 464 -29.48 -0.53 -25.42
N ILE A 465 -29.34 0.77 -25.70
CA ILE A 465 -28.26 1.29 -26.54
C ILE A 465 -27.58 2.38 -25.74
N ALA A 466 -28.17 2.69 -24.59
CA ALA A 466 -27.55 3.57 -23.61
C ALA A 466 -26.38 2.81 -22.97
N VAL A 467 -26.47 1.48 -23.01
CA VAL A 467 -25.36 0.61 -22.68
C VAL A 467 -24.11 0.99 -23.49
N GLY A 468 -24.31 1.22 -24.79
CA GLY A 468 -23.22 1.67 -25.66
C GLY A 468 -22.67 3.02 -25.23
N ILE A 469 -23.55 3.89 -24.75
CA ILE A 469 -23.17 5.21 -24.26
C ILE A 469 -22.26 5.11 -23.03
N VAL A 470 -22.62 4.26 -22.06
CA VAL A 470 -21.79 4.10 -20.86
C VAL A 470 -20.50 3.35 -21.20
N GLY A 471 -20.60 2.45 -22.18
CA GLY A 471 -19.46 1.72 -22.71
C GLY A 471 -18.41 2.65 -23.29
N ILE A 472 -18.86 3.65 -24.06
CA ILE A 472 -17.96 4.69 -24.60
C ILE A 472 -17.37 5.53 -23.47
N LEU A 473 -18.22 5.87 -22.49
CA LEU A 473 -17.88 6.82 -21.44
C LEU A 473 -16.86 6.24 -20.46
N LEU A 474 -17.06 4.96 -20.12
CA LEU A 474 -16.17 4.24 -19.23
C LEU A 474 -14.79 4.09 -19.86
N ALA A 475 -14.77 3.64 -21.11
CA ALA A 475 -13.51 3.54 -21.85
C ALA A 475 -12.82 4.89 -21.91
N ALA A 476 -13.63 5.96 -22.01
CA ALA A 476 -13.10 7.32 -22.09
C ALA A 476 -12.49 7.85 -20.78
N VAL A 477 -13.17 7.63 -19.65
CA VAL A 477 -12.71 8.17 -18.38
C VAL A 477 -11.58 7.33 -17.81
N VAL A 478 -11.67 6.02 -18.00
CA VAL A 478 -10.66 5.09 -17.52
C VAL A 478 -9.41 5.24 -18.37
N GLY A 479 -9.56 5.13 -19.69
CA GLY A 479 -8.45 5.31 -20.61
C GLY A 479 -7.77 6.67 -20.49
N ALA A 480 -8.53 7.65 -20.02
CA ALA A 480 -7.99 9.00 -19.88
C ALA A 480 -6.92 9.05 -18.77
N LEU A 481 -7.06 8.16 -17.79
CA LEU A 481 -6.15 8.06 -16.65
C LEU A 481 -4.87 7.33 -17.01
N LEU A 482 -4.92 6.49 -18.05
CA LEU A 482 -3.82 5.63 -18.49
C LEU A 482 -3.03 6.20 -19.63
N ASP A 483 -3.70 6.60 -20.71
CA ASP A 483 -3.03 6.87 -21.99
C ASP A 483 -3.92 7.56 -23.01
N ASP A 484 -3.42 8.66 -23.58
CA ASP A 484 -4.15 9.45 -24.56
C ASP A 484 -4.52 8.65 -25.83
N LYS A 485 -3.86 7.52 -26.05
CA LYS A 485 -4.12 6.73 -27.24
C LYS A 485 -5.54 6.12 -27.25
N PHE A 486 -6.16 6.07 -26.08
CA PHE A 486 -7.47 5.47 -25.95
C PHE A 486 -8.57 6.41 -26.41
N ALA A 487 -8.38 7.70 -26.18
CA ALA A 487 -9.25 8.74 -26.72
C ALA A 487 -9.21 8.66 -28.24
N ASP A 488 -8.00 8.58 -28.79
CA ASP A 488 -7.79 8.42 -30.23
C ASP A 488 -8.48 7.17 -30.75
N ALA A 489 -8.32 6.08 -30.00
CA ALA A 489 -8.93 4.82 -30.39
C ALA A 489 -10.45 4.94 -30.46
N LEU A 490 -11.04 5.59 -29.46
CA LEU A 490 -12.48 5.81 -29.42
C LEU A 490 -12.96 6.62 -30.62
N ASN A 491 -12.23 7.68 -30.95
CA ASN A 491 -12.60 8.51 -32.07
C ASN A 491 -12.36 7.83 -33.42
N LYS A 492 -11.30 7.03 -33.49
CA LYS A 492 -10.85 6.45 -34.76
C LYS A 492 -11.71 5.27 -35.24
N GLU A 493 -12.08 4.39 -34.32
CA GLU A 493 -12.56 3.07 -34.70
C GLU A 493 -13.89 2.62 -34.11
N ILE A 494 -14.39 3.31 -33.10
CA ILE A 494 -15.67 2.90 -32.52
C ILE A 494 -16.81 3.92 -32.64
N ILE A 495 -16.47 5.21 -32.67
CA ILE A 495 -17.50 6.25 -32.69
C ILE A 495 -18.32 6.29 -33.98
N LYS A 496 -17.65 6.19 -35.14
CA LYS A 496 -18.29 6.25 -36.46
C LYS A 496 -19.20 7.48 -36.64
N PRO A 497 -18.62 8.60 -37.10
CA PRO A 497 -19.32 9.87 -37.22
C PRO A 497 -19.79 10.12 -38.65
N ALA A 498 -19.56 11.32 -39.17
CA ALA A 498 -19.74 11.62 -40.59
C ALA A 498 -18.59 12.52 -41.10
N HIS A 499 -17.79 12.01 -42.04
CA HIS A 499 -17.88 10.65 -42.57
C HIS A 499 -16.92 9.66 -41.91
#